data_7LP8
#
_entry.id   7LP8
#
_cell.length_a   89.877
_cell.length_b   89.877
_cell.length_c   132.604
_cell.angle_alpha   90.000
_cell.angle_beta   90.000
_cell.angle_gamma   90.000
#
_symmetry.space_group_name_H-M   'I 4 2 2'
#
loop_
_entity.id
_entity.type
_entity.pdbx_description
1 polymer 'Polymerase acidic protein'
2 non-polymer '(phenylmethyl) (2~{S})-2-[5-oxidanyl-6-oxidanylidene-4-(2-pyridin-4-ylethylcarbamoyl)-1~{H}-pyrimidin-2-yl]pyrrolidine-1-carboxylate'
3 non-polymer 'Hexa Vinylpyrrolidone K15'
4 non-polymer 'MANGANESE (II) ION'
5 non-polymer 'SULFATE ION'
6 water water
#
_entity_poly.entity_id   1
_entity_poly.type   'polypeptide(L)'
_entity_poly.pdbx_seq_one_letter_code
;MGSSHHHHHHSSGLVPRGSHMEDFVRQCFNPMIVELAEKAMKEYGEDPKIETNKFAATCTHLEVCFMYSDGGSKHRFEII
EGRDRIMAWTVVNSICNTTGVEKPKFLPDLYDYKENRFIEIGVTRREVHIYYLEKANKIKSEKTHIHIFSFTGEEMATKA
DYTLDEESRARIKTRLFTIRQEMASRSLWDSFRQSER
;
_entity_poly.pdbx_strand_id   A
#
loop_
_chem_comp.id
_chem_comp.type
_chem_comp.name
_chem_comp.formula
MN non-polymer 'MANGANESE (II) ION' 'Mn 2'
QQ4 non-polymer 'Hexa Vinylpyrrolidone K15' 'C36 H56 N6 O6'
SO4 non-polymer 'SULFATE ION' 'O4 S -2'
YAD non-polymer '(phenylmethyl) (2~{S})-2-[5-oxidanyl-6-oxidanylidene-4-(2-pyridin-4-ylethylcarbamoyl)-1~{H}-pyrimidin-2-yl]pyrrolidine-1-carboxylate' 'C24 H25 N5 O5'
#
# COMPACT_ATOMS: atom_id res chain seq x y z
N LEU A 14 20.93 16.77 -11.20
CA LEU A 14 19.84 15.81 -11.33
C LEU A 14 19.02 15.72 -10.05
N VAL A 15 19.65 15.26 -8.97
CA VAL A 15 19.01 15.12 -7.68
C VAL A 15 19.25 16.39 -6.87
N PRO A 16 18.21 17.06 -6.37
CA PRO A 16 18.41 18.35 -5.69
C PRO A 16 18.57 18.20 -4.19
N ARG A 17 18.66 19.34 -3.49
CA ARG A 17 18.81 19.33 -2.04
C ARG A 17 17.49 19.19 -1.31
N GLY A 18 16.37 19.49 -1.96
CA GLY A 18 15.08 19.40 -1.32
C GLY A 18 13.95 19.86 -2.20
N SER A 19 12.75 19.32 -1.96
CA SER A 19 11.55 19.69 -2.70
C SER A 19 10.42 19.89 -1.71
N HIS A 20 9.38 20.62 -2.14
CA HIS A 20 8.24 20.88 -1.27
C HIS A 20 7.51 19.59 -0.94
N MET A 21 7.44 18.66 -1.89
CA MET A 21 6.83 17.37 -1.62
C MET A 21 7.63 16.57 -0.60
N GLU A 22 8.96 16.53 -0.78
CA GLU A 22 9.81 15.75 0.12
C GLU A 22 9.69 16.24 1.56
N ASP A 23 9.61 17.56 1.75
CA ASP A 23 9.50 18.09 3.11
C ASP A 23 8.13 17.85 3.71
N PHE A 24 7.08 17.85 2.88
CA PHE A 24 5.75 17.50 3.39
C PHE A 24 5.69 16.03 3.76
N VAL A 25 6.29 15.16 2.96
CA VAL A 25 6.29 13.73 3.25
C VAL A 25 6.99 13.46 4.57
N ARG A 26 8.07 14.20 4.86
CA ARG A 26 8.81 13.97 6.09
C ARG A 26 8.06 14.47 7.32
N GLN A 27 7.19 15.45 7.16
CA GLN A 27 6.39 15.97 8.26
C GLN A 27 5.00 15.33 8.35
N CYS A 28 4.65 14.44 7.43
CA CYS A 28 3.33 13.82 7.40
C CYS A 28 3.32 12.38 7.88
N PHE A 29 4.31 11.58 7.50
CA PHE A 29 4.38 10.19 7.91
C PHE A 29 5.42 10.02 9.01
N ASN A 30 5.23 9.00 9.85
CA ASN A 30 6.15 8.78 10.94
C ASN A 30 7.51 8.31 10.41
N PRO A 31 8.59 8.57 11.15
CA PRO A 31 9.94 8.31 10.60
C PRO A 31 10.18 6.86 10.18
N MET A 32 9.51 5.90 10.80
CA MET A 32 9.67 4.51 10.39
C MET A 32 9.11 4.26 8.99
N ILE A 33 8.03 4.95 8.63
CA ILE A 33 7.42 4.76 7.32
C ILE A 33 8.33 5.30 6.22
N VAL A 34 8.83 6.51 6.41
CA VAL A 34 9.66 7.15 5.38
C VAL A 34 10.99 6.43 5.24
N GLU A 35 11.55 5.94 6.36
CA GLU A 35 12.77 5.16 6.29
C GLU A 35 12.57 3.91 5.42
N LEU A 36 11.39 3.31 5.48
CA LEU A 36 11.16 2.07 4.75
C LEU A 36 10.81 2.34 3.29
N ALA A 37 10.08 3.42 3.01
CA ALA A 37 9.83 3.80 1.64
C ALA A 37 11.13 4.14 0.91
N GLU A 38 12.07 4.75 1.64
CA GLU A 38 13.37 5.08 1.04
C GLU A 38 14.12 3.82 0.64
N LYS A 39 14.32 2.90 1.59
CA LYS A 39 14.99 1.65 1.29
C LYS A 39 14.25 0.87 0.21
N ALA A 40 12.92 0.98 0.17
CA ALA A 40 12.15 0.29 -0.86
C ALA A 40 12.36 0.92 -2.23
N MET A 41 12.17 2.24 -2.33
CA MET A 41 12.39 2.92 -3.60
C MET A 41 13.81 2.73 -4.09
N LYS A 42 14.79 2.92 -3.19
CA LYS A 42 16.18 2.75 -3.57
C LYS A 42 16.48 1.32 -4.02
N GLU A 43 15.77 0.34 -3.46
CA GLU A 43 15.92 -1.04 -3.92
C GLU A 43 15.52 -1.21 -5.38
N TYR A 44 14.67 -0.33 -5.90
CA TYR A 44 14.19 -0.41 -7.28
C TYR A 44 14.68 0.74 -8.13
N GLY A 45 15.85 1.28 -7.83
CA GLY A 45 16.45 2.32 -8.67
C GLY A 45 15.64 3.59 -8.77
N GLU A 46 15.06 4.03 -7.66
CA GLU A 46 14.30 5.27 -7.60
C GLU A 46 14.82 6.15 -6.48
N ASP A 47 14.94 7.44 -6.74
CA ASP A 47 15.43 8.38 -5.74
C ASP A 47 14.27 9.16 -5.18
N PRO A 48 13.99 9.06 -3.87
CA PRO A 48 12.88 9.85 -3.29
C PRO A 48 13.09 11.35 -3.40
N LYS A 49 14.33 11.81 -3.58
CA LYS A 49 14.61 13.23 -3.73
C LYS A 49 14.23 13.74 -5.11
N ILE A 50 14.07 12.86 -6.09
CA ILE A 50 13.63 13.26 -7.42
C ILE A 50 12.19 12.80 -7.66
N GLU A 51 11.94 11.51 -7.50
CA GLU A 51 10.60 10.94 -7.66
C GLU A 51 9.76 11.26 -6.41
N THR A 52 9.47 12.56 -6.25
CA THR A 52 8.84 13.03 -5.03
C THR A 52 7.40 12.55 -4.92
N ASN A 53 6.67 12.49 -6.04
CA ASN A 53 5.28 12.01 -6.00
C ASN A 53 5.23 10.52 -5.71
N LYS A 54 6.06 9.73 -6.41
CA LYS A 54 6.17 8.31 -6.10
C LYS A 54 6.62 8.10 -4.66
N PHE A 55 7.41 9.02 -4.11
CA PHE A 55 7.79 8.96 -2.70
C PHE A 55 6.57 9.08 -1.80
N ALA A 56 5.69 10.04 -2.09
CA ALA A 56 4.47 10.19 -1.31
C ALA A 56 3.56 8.98 -1.48
N ALA A 57 3.53 8.40 -2.68
CA ALA A 57 2.69 7.22 -2.91
C ALA A 57 3.18 6.03 -2.10
N THR A 58 4.50 5.79 -2.08
CA THR A 58 5.03 4.65 -1.35
C THR A 58 4.80 4.79 0.15
N CYS A 59 4.89 6.01 0.68
CA CYS A 59 4.62 6.21 2.09
C CYS A 59 3.15 6.03 2.41
N THR A 60 2.27 6.54 1.55
CA THR A 60 0.84 6.32 1.71
C THR A 60 0.51 4.84 1.65
N HIS A 61 0.99 4.17 0.60
CA HIS A 61 0.77 2.73 0.48
C HIS A 61 1.37 1.97 1.66
N LEU A 62 2.49 2.44 2.19
CA LEU A 62 3.10 1.78 3.34
C LEU A 62 2.23 1.92 4.58
N GLU A 63 1.75 3.13 4.85
CA GLU A 63 0.98 3.35 6.07
C GLU A 63 -0.36 2.61 6.02
N VAL A 64 -0.96 2.51 4.83
CA VAL A 64 -2.22 1.78 4.69
C VAL A 64 -2.02 0.32 5.07
N CYS A 65 -0.97 -0.31 4.54
CA CYS A 65 -0.71 -1.72 4.84
C CYS A 65 -0.51 -1.96 6.32
N PHE A 66 0.08 -1.00 7.04
CA PHE A 66 0.34 -1.21 8.46
C PHE A 66 -0.90 -1.00 9.31
N MET A 67 -1.78 -0.07 8.93
CA MET A 67 -3.06 0.05 9.62
C MET A 67 -3.95 -1.15 9.34
N TYR A 68 -3.86 -1.70 8.12
CA TYR A 68 -4.65 -2.87 7.76
C TYR A 68 -4.29 -4.07 8.65
N SER A 69 -3.01 -4.42 8.72
CA SER A 69 -2.60 -5.51 9.59
C SER A 69 -2.87 -5.21 11.05
N ASP A 70 -3.01 -3.92 11.41
CA ASP A 70 -3.33 -3.57 12.78
C ASP A 70 -4.78 -3.87 13.12
N GLY A 71 -5.66 -3.87 12.12
CA GLY A 71 -7.07 -4.11 12.38
C GLY A 71 -7.37 -5.53 12.79
N GLY A 72 -6.58 -6.50 12.32
CA GLY A 72 -6.85 -7.89 12.57
C GLY A 72 -6.53 -8.30 14.01
N SER A 73 -6.55 -9.60 14.22
CA SER A 73 -6.23 -10.18 15.53
C SER A 73 -4.72 -10.10 15.75
N LYS A 74 -4.26 -10.72 16.84
CA LYS A 74 -2.85 -10.66 17.20
C LYS A 74 -1.98 -11.32 16.11
N HIS A 75 -2.25 -12.59 15.82
CA HIS A 75 -1.48 -13.37 14.87
C HIS A 75 -2.19 -13.53 13.53
N ARG A 76 -3.02 -12.56 13.14
CA ARG A 76 -3.86 -12.76 11.97
C ARG A 76 -3.07 -12.65 10.67
N PHE A 77 -2.22 -11.62 10.56
CA PHE A 77 -1.58 -11.30 9.29
C PHE A 77 -0.08 -11.53 9.35
N GLU A 78 0.50 -11.82 8.19
CA GLU A 78 1.94 -11.79 7.97
C GLU A 78 2.23 -10.67 6.98
N ILE A 79 3.05 -9.73 7.40
CA ILE A 79 3.32 -8.53 6.59
C ILE A 79 4.39 -8.85 5.56
N ILE A 80 4.03 -8.74 4.28
CA ILE A 80 4.99 -8.95 3.20
C ILE A 80 5.61 -7.63 2.76
N GLU A 81 4.79 -6.58 2.63
CA GLU A 81 5.29 -5.27 2.26
C GLU A 81 6.14 -4.68 3.36
N GLY A 82 7.10 -3.85 2.96
CA GLY A 82 8.04 -3.29 3.91
C GLY A 82 9.21 -4.18 4.24
N ARG A 83 9.43 -5.22 3.47
CA ARG A 83 10.60 -6.08 3.62
C ARG A 83 11.51 -5.92 2.40
N ASP A 84 12.77 -6.29 2.59
CA ASP A 84 13.67 -6.45 1.47
C ASP A 84 13.07 -7.43 0.47
N ARG A 85 13.21 -7.11 -0.82
CA ARG A 85 12.50 -7.87 -1.86
C ARG A 85 12.87 -9.36 -1.82
N ILE A 86 14.10 -9.69 -1.43
CA ILE A 86 14.49 -11.09 -1.35
C ILE A 86 13.96 -11.73 -0.07
N MET A 87 13.88 -10.96 1.02
CA MET A 87 13.27 -11.48 2.24
C MET A 87 11.77 -11.70 2.04
N ALA A 88 11.12 -10.81 1.30
CA ALA A 88 9.68 -10.93 1.09
C ALA A 88 9.33 -12.22 0.36
N TRP A 89 10.14 -12.59 -0.65
CA TRP A 89 9.90 -13.85 -1.35
C TRP A 89 10.18 -15.05 -0.45
N THR A 90 11.10 -14.91 0.51
CA THR A 90 11.37 -15.99 1.44
C THR A 90 10.15 -16.29 2.31
N VAL A 91 9.50 -15.25 2.83
CA VAL A 91 8.30 -15.45 3.63
C VAL A 91 7.17 -16.00 2.77
N VAL A 92 7.04 -15.52 1.54
CA VAL A 92 6.02 -16.05 0.63
C VAL A 92 6.25 -17.53 0.38
N ASN A 93 7.51 -17.91 0.14
CA ASN A 93 7.84 -19.32 -0.04
C ASN A 93 7.47 -20.13 1.21
N SER A 94 7.77 -19.61 2.39
CA SER A 94 7.45 -20.32 3.62
C SER A 94 5.94 -20.47 3.80
N ILE A 95 5.18 -19.43 3.46
CA ILE A 95 3.73 -19.49 3.61
C ILE A 95 3.14 -20.50 2.64
N CYS A 96 3.59 -20.48 1.39
CA CYS A 96 3.09 -21.44 0.41
C CYS A 96 3.43 -22.86 0.79
N ASN A 97 4.67 -23.09 1.25
CA ASN A 97 5.13 -24.45 1.51
C ASN A 97 4.61 -25.04 2.80
N THR A 98 3.96 -24.25 3.65
CA THR A 98 3.32 -24.76 4.86
C THR A 98 1.80 -24.81 4.76
N THR A 99 1.18 -23.83 4.10
CA THR A 99 -0.26 -23.84 3.91
C THR A 99 -0.68 -24.53 2.61
N GLY A 100 0.23 -24.74 1.68
CA GLY A 100 -0.11 -25.30 0.40
C GLY A 100 -0.77 -24.34 -0.56
N VAL A 101 -0.88 -23.06 -0.20
CA VAL A 101 -1.50 -22.07 -1.07
C VAL A 101 -0.66 -21.89 -2.33
N GLU A 102 -1.34 -21.64 -3.45
CA GLU A 102 -0.63 -21.42 -4.71
C GLU A 102 0.27 -20.21 -4.62
N LYS A 103 1.49 -20.34 -5.15
CA LYS A 103 2.49 -19.29 -5.08
C LYS A 103 2.13 -18.15 -6.03
N PRO A 104 1.98 -16.92 -5.55
CA PRO A 104 1.58 -15.83 -6.44
C PRO A 104 2.67 -15.47 -7.44
N LYS A 105 2.24 -14.87 -8.55
CA LYS A 105 3.19 -14.43 -9.58
C LYS A 105 3.84 -13.11 -9.20
N PHE A 106 3.13 -12.25 -8.49
CA PHE A 106 3.66 -10.97 -8.03
C PHE A 106 3.66 -10.94 -6.51
N LEU A 107 4.58 -10.16 -5.94
CA LEU A 107 4.68 -10.00 -4.51
C LEU A 107 3.40 -9.38 -3.94
N PRO A 108 2.69 -10.06 -3.05
CA PRO A 108 1.52 -9.46 -2.40
C PRO A 108 1.95 -8.60 -1.22
N ASP A 109 0.97 -7.96 -0.61
CA ASP A 109 1.25 -7.08 0.53
C ASP A 109 1.10 -7.80 1.86
N LEU A 110 0.05 -8.60 2.03
CA LEU A 110 -0.25 -9.29 3.27
C LEU A 110 -0.54 -10.75 2.98
N TYR A 111 -0.49 -11.56 4.05
CA TYR A 111 -1.09 -12.89 4.03
C TYR A 111 -2.04 -12.99 5.21
N ASP A 112 -3.24 -13.51 4.97
CA ASP A 112 -4.27 -13.60 5.98
C ASP A 112 -4.34 -15.04 6.48
N TYR A 113 -3.85 -15.27 7.70
CA TYR A 113 -3.89 -16.62 8.26
C TYR A 113 -5.33 -17.05 8.55
N LYS A 114 -6.21 -16.10 8.86
CA LYS A 114 -7.59 -16.45 9.19
C LYS A 114 -8.35 -16.95 7.98
N GLU A 115 -8.14 -16.34 6.82
CA GLU A 115 -8.83 -16.73 5.60
C GLU A 115 -7.94 -17.48 4.62
N ASN A 116 -6.65 -17.65 4.92
CA ASN A 116 -5.72 -18.45 4.12
C ASN A 116 -5.66 -17.94 2.68
N ARG A 117 -5.35 -16.65 2.54
CA ARG A 117 -5.24 -16.04 1.22
C ARG A 117 -4.29 -14.85 1.30
N PHE A 118 -3.61 -14.59 0.19
CA PHE A 118 -2.77 -13.41 0.08
C PHE A 118 -3.63 -12.19 -0.25
N ILE A 119 -3.19 -11.03 0.22
CA ILE A 119 -3.91 -9.78 0.00
C ILE A 119 -3.01 -8.82 -0.76
N GLU A 120 -3.56 -8.18 -1.79
CA GLU A 120 -2.92 -7.07 -2.48
C GLU A 120 -3.69 -5.81 -2.17
N ILE A 121 -2.99 -4.80 -1.66
CA ILE A 121 -3.60 -3.56 -1.22
C ILE A 121 -3.16 -2.44 -2.17
N GLY A 122 -4.13 -1.69 -2.68
CA GLY A 122 -3.84 -0.60 -3.57
C GLY A 122 -4.50 0.68 -3.10
N VAL A 123 -3.83 1.80 -3.38
CA VAL A 123 -4.32 3.14 -3.06
C VAL A 123 -4.34 3.95 -4.36
N THR A 124 -5.50 4.53 -4.66
CA THR A 124 -5.71 5.18 -5.94
C THR A 124 -6.20 6.61 -5.76
N ARG A 125 -5.89 7.45 -6.75
CA ARG A 125 -6.42 8.80 -6.84
C ARG A 125 -7.40 8.94 -7.99
N ARG A 126 -7.86 7.81 -8.54
CA ARG A 126 -8.96 7.74 -9.48
C ARG A 126 -10.04 6.83 -8.89
N GLU A 127 -11.00 6.44 -9.72
CA GLU A 127 -12.09 5.59 -9.26
C GLU A 127 -11.56 4.23 -8.82
N VAL A 128 -12.00 3.78 -7.65
CA VAL A 128 -11.64 2.44 -7.18
C VAL A 128 -12.07 1.40 -8.20
N HIS A 129 -13.10 1.69 -8.98
CA HIS A 129 -13.54 0.77 -10.03
C HIS A 129 -12.42 0.55 -11.05
N ILE A 130 -11.70 1.60 -11.41
CA ILE A 130 -10.71 1.49 -12.47
C ILE A 130 -9.45 0.79 -11.97
N TYR A 131 -8.94 1.19 -10.80
CA TYR A 131 -7.72 0.57 -10.27
C TYR A 131 -7.93 -0.91 -10.02
N TYR A 132 -9.07 -1.29 -9.44
CA TYR A 132 -9.31 -2.71 -9.16
C TYR A 132 -9.23 -3.53 -10.44
N LEU A 133 -9.93 -3.09 -11.49
CA LEU A 133 -9.83 -3.79 -12.77
C LEU A 133 -8.39 -3.84 -13.27
N GLU A 134 -7.64 -2.76 -13.04
CA GLU A 134 -6.23 -2.75 -13.41
C GLU A 134 -5.45 -3.80 -12.63
N LYS A 135 -5.59 -3.80 -11.30
CA LYS A 135 -4.86 -4.75 -10.48
C LYS A 135 -5.34 -6.19 -10.70
N ALA A 136 -6.62 -6.36 -11.08
CA ALA A 136 -7.14 -7.71 -11.25
C ALA A 136 -6.62 -8.36 -12.53
N ASN A 137 -6.45 -7.58 -13.59
CA ASN A 137 -5.93 -8.12 -14.84
C ASN A 137 -4.46 -8.55 -14.71
N LYS A 138 -3.76 -8.06 -13.70
CA LYS A 138 -2.34 -8.34 -13.54
C LYS A 138 -2.10 -9.64 -12.76
N ILE A 139 -2.75 -9.78 -11.61
CA ILE A 139 -2.46 -10.87 -10.66
C ILE A 139 -2.64 -12.22 -11.33
N LYS A 140 -3.89 -12.58 -11.63
CA LYS A 140 -4.23 -13.88 -12.21
C LYS A 140 -3.74 -15.04 -11.33
N SER A 141 -3.72 -14.82 -10.01
CA SER A 141 -3.36 -15.85 -9.04
C SER A 141 -4.57 -16.44 -8.34
N GLU A 142 -5.78 -16.00 -8.70
CA GLU A 142 -7.03 -16.52 -8.14
C GLU A 142 -7.10 -16.32 -6.63
N LYS A 143 -6.32 -17.10 -5.88
CA LYS A 143 -6.40 -17.09 -4.42
C LYS A 143 -5.88 -15.80 -3.79
N THR A 144 -5.42 -14.83 -4.57
CA THR A 144 -4.93 -13.57 -4.03
C THR A 144 -6.08 -12.58 -3.92
N HIS A 145 -6.41 -12.20 -2.69
CA HIS A 145 -7.43 -11.19 -2.45
C HIS A 145 -6.94 -9.80 -2.86
N ILE A 146 -7.87 -8.94 -3.26
CA ILE A 146 -7.56 -7.56 -3.62
C ILE A 146 -8.45 -6.64 -2.80
N HIS A 147 -7.86 -5.58 -2.25
CA HIS A 147 -8.58 -4.57 -1.47
C HIS A 147 -8.07 -3.20 -1.88
N ILE A 148 -8.94 -2.39 -2.49
CA ILE A 148 -8.57 -1.10 -3.06
C ILE A 148 -9.17 0.01 -2.22
N PHE A 149 -8.36 1.02 -1.92
CA PHE A 149 -8.84 2.24 -1.26
C PHE A 149 -8.57 3.43 -2.16
N SER A 150 -9.36 4.48 -1.99
CA SER A 150 -9.17 5.73 -2.70
C SER A 150 -9.04 6.88 -1.72
N PHE A 151 -8.58 8.03 -2.25
CA PHE A 151 -8.45 9.24 -1.44
C PHE A 151 -9.76 9.98 -1.26
N THR A 152 -10.88 9.41 -1.74
CA THR A 152 -12.18 10.02 -1.57
C THR A 152 -13.05 9.31 -0.53
N GLY A 153 -12.64 8.12 -0.07
CA GLY A 153 -13.39 7.39 0.93
C GLY A 153 -14.09 6.14 0.44
N GLU A 154 -13.85 5.70 -0.79
CA GLU A 154 -14.45 4.48 -1.30
C GLU A 154 -13.48 3.32 -1.16
N GLU A 155 -14.03 2.12 -1.04
CA GLU A 155 -13.23 0.91 -1.01
C GLU A 155 -13.88 -0.15 -1.89
N MET A 156 -13.14 -1.21 -2.16
CA MET A 156 -13.51 -2.20 -3.16
C MET A 156 -12.71 -3.46 -2.90
N ALA A 157 -13.40 -4.57 -2.61
CA ALA A 157 -12.75 -5.83 -2.29
C ALA A 157 -13.32 -6.95 -3.14
N THR A 158 -12.52 -8.00 -3.31
CA THR A 158 -12.95 -9.17 -4.05
C THR A 158 -14.08 -9.87 -3.33
N LYS A 159 -15.08 -10.33 -4.09
CA LYS A 159 -16.29 -10.95 -3.54
C LYS A 159 -17.00 -10.02 -2.56
N ALA A 160 -16.63 -8.74 -2.54
CA ALA A 160 -17.07 -7.80 -1.51
C ALA A 160 -16.75 -8.33 -0.12
N ASP A 161 -15.70 -9.13 -0.03
CA ASP A 161 -15.19 -9.63 1.26
C ASP A 161 -14.13 -8.64 1.73
N TYR A 162 -14.51 -7.78 2.69
CA TYR A 162 -13.66 -6.69 3.13
C TYR A 162 -12.73 -7.08 4.27
N THR A 163 -12.66 -8.38 4.61
CA THR A 163 -11.68 -8.92 5.56
C THR A 163 -11.80 -8.29 6.95
N LEU A 164 -11.66 -6.98 7.05
CA LEU A 164 -11.73 -6.28 8.32
C LEU A 164 -13.12 -5.69 8.53
N ASP A 165 -13.39 -5.29 9.77
CA ASP A 165 -14.68 -4.69 10.09
C ASP A 165 -14.77 -3.27 9.52
N GLU A 166 -15.90 -2.61 9.79
CA GLU A 166 -16.11 -1.26 9.27
C GLU A 166 -15.17 -0.25 9.93
N GLU A 167 -15.01 -0.33 11.25
CA GLU A 167 -14.29 0.71 11.98
C GLU A 167 -12.81 0.74 11.62
N SER A 168 -12.19 -0.43 11.44
CA SER A 168 -10.80 -0.45 11.00
C SER A 168 -10.65 0.11 9.59
N ARG A 169 -11.58 -0.25 8.69
CA ARG A 169 -11.55 0.31 7.35
C ARG A 169 -11.91 1.79 7.35
N ALA A 170 -12.74 2.23 8.30
CA ALA A 170 -13.18 3.61 8.31
C ALA A 170 -12.03 4.56 8.63
N ARG A 171 -11.21 4.22 9.62
CA ARG A 171 -10.10 5.10 9.99
C ARG A 171 -9.07 5.20 8.87
N ILE A 172 -8.89 4.14 8.09
CA ILE A 172 -7.98 4.19 6.95
C ILE A 172 -8.47 5.23 5.94
N LYS A 173 -9.78 5.26 5.67
CA LYS A 173 -10.34 6.25 4.76
C LYS A 173 -10.13 7.66 5.29
N THR A 174 -10.30 7.86 6.60
CA THR A 174 -10.09 9.18 7.19
C THR A 174 -8.64 9.63 7.03
N ARG A 175 -7.69 8.73 7.30
CA ARG A 175 -6.28 9.06 7.12
C ARG A 175 -6.01 9.48 5.69
N LEU A 176 -6.58 8.78 4.71
CA LEU A 176 -6.34 9.11 3.31
C LEU A 176 -6.89 10.48 2.95
N PHE A 177 -8.09 10.82 3.44
CA PHE A 177 -8.64 12.13 3.13
C PHE A 177 -7.87 13.24 3.82
N THR A 178 -7.35 12.98 5.02
CA THR A 178 -6.51 13.95 5.68
C THR A 178 -5.26 14.24 4.85
N ILE A 179 -4.62 13.19 4.34
CA ILE A 179 -3.45 13.36 3.50
C ILE A 179 -3.80 14.16 2.24
N ARG A 180 -4.99 13.92 1.70
CA ARG A 180 -5.43 14.67 0.52
C ARG A 180 -5.60 16.15 0.82
N GLN A 181 -6.12 16.47 2.02
CA GLN A 181 -6.28 17.88 2.39
C GLN A 181 -4.94 18.56 2.59
N GLU A 182 -4.04 17.92 3.35
CA GLU A 182 -2.75 18.53 3.65
C GLU A 182 -1.95 18.74 2.36
N MET A 183 -2.07 17.81 1.41
CA MET A 183 -1.42 17.98 0.13
C MET A 183 -2.02 19.16 -0.64
N ALA A 184 -3.33 19.39 -0.50
CA ALA A 184 -3.97 20.48 -1.21
C ALA A 184 -3.69 21.83 -0.54
N SER A 185 -3.60 21.84 0.78
CA SER A 185 -3.33 23.09 1.49
C SER A 185 -1.97 23.68 1.11
N ARG A 186 -1.05 22.86 0.64
CA ARG A 186 0.24 23.31 0.14
C ARG A 186 0.30 23.31 -1.38
N SER A 187 -0.85 23.17 -2.06
CA SER A 187 -0.93 23.20 -3.52
C SER A 187 -0.14 22.07 -4.17
N LEU A 188 -0.06 20.92 -3.51
CA LEU A 188 0.68 19.78 -4.04
C LEU A 188 -0.22 18.63 -4.48
N TRP A 189 -1.54 18.75 -4.32
CA TRP A 189 -2.42 17.64 -4.64
C TRP A 189 -2.63 17.48 -6.13
N ASP A 190 -2.81 18.59 -6.86
CA ASP A 190 -3.10 18.49 -8.29
C ASP A 190 -1.97 17.80 -9.03
N SER A 191 -0.72 18.03 -8.62
CA SER A 191 0.40 17.32 -9.23
C SER A 191 0.40 15.85 -8.80
N PHE A 192 0.00 15.57 -7.56
CA PHE A 192 -0.01 14.19 -7.07
C PHE A 192 -1.06 13.37 -7.80
N ARG A 193 -2.29 13.90 -7.91
CA ARG A 193 -3.34 13.18 -8.61
C ARG A 193 -2.99 12.93 -10.06
N GLN A 194 -2.29 13.89 -10.69
CA GLN A 194 -1.89 13.74 -12.08
C GLN A 194 -0.82 12.67 -12.26
N SER A 195 -0.07 12.33 -11.20
CA SER A 195 1.01 11.36 -11.33
C SER A 195 0.47 9.96 -11.55
N GLU A 196 -0.70 9.64 -11.01
CA GLU A 196 -1.28 8.31 -11.18
C GLU A 196 -2.18 8.27 -12.42
O15 YAD B . 5.20 0.85 -7.93
O16 YAD B . 3.75 -0.59 -8.87
C02 YAD B . 1.76 -2.38 -4.63
C03 YAD B . 3.16 -2.07 -5.01
C05 YAD B . 2.42 0.25 -5.75
C07 YAD B . 0.69 -1.36 -4.83
C09 YAD B . 2.77 1.59 -6.33
C10 YAD B . 1.49 2.67 -6.22
C11 YAD B . 0.81 2.62 -7.33
C12 YAD B . 1.60 1.64 -8.30
C14 YAD B . 4.07 0.57 -8.14
C24 YAD B . 4.29 -3.09 -4.83
C27 YAD B . 6.74 -3.59 -4.58
C28 YAD B . 8.03 -2.91 -4.10
C29 YAD B . 8.19 -1.48 -4.60
C30 YAD B . 8.62 -1.22 -5.89
C31 YAD B . 8.77 0.10 -6.32
C33 YAD B . 8.07 0.90 -4.26
C34 YAD B . 7.92 -0.40 -3.78
N04 YAD B . 3.48 -0.76 -5.56
N06 YAD B . 1.01 -0.06 -5.38
N13 YAD B . 3.01 1.41 -7.63
N26 YAD B . 5.66 -2.63 -4.75
N32 YAD B . 8.50 1.10 -5.51
O01 YAD B . 1.45 -3.64 -4.09
O08 YAD B . -0.42 -1.61 -4.53
O25 YAD B . 4.04 -4.24 -4.74
C11 QQ4 C . 5.62 0.31 16.54
C10 QQ4 C . 8.34 -4.95 14.45
C01 QQ4 C . 4.46 0.08 15.58
C02 QQ4 C . 4.97 0.21 14.15
C03 QQ4 C . 3.95 -0.32 13.14
C04 QQ4 C . 4.71 -0.92 11.95
C05 QQ4 C . 4.81 -2.46 11.96
C06 QQ4 C . 6.26 -2.90 11.72
C07 QQ4 C . 6.30 -4.39 11.31
C08 QQ4 C . 6.96 -5.25 12.40
C09 QQ4 C . 8.23 -4.60 12.98
C22 QQ4 C . 2.09 0.72 16.39
C23 QQ4 C . 3.49 2.49 15.65
C24 QQ4 C . 2.15 3.10 16.08
C25 QQ4 C . 1.55 2.02 16.96
C26 QQ4 C . 3.64 2.01 12.09
C27 QQ4 C . 2.43 2.73 11.49
C28 QQ4 C . 1.24 2.24 12.31
C29 QQ4 C . 1.70 0.91 12.88
C30 QQ4 C . 4.94 -3.20 14.48
C31 QQ4 C . 4.01 -3.93 15.41
C32 QQ4 C . 3.09 -4.67 14.48
C33 QQ4 C . 2.98 -3.75 13.27
C34 QQ4 C . 7.61 -3.43 9.25
C35 QQ4 C . 7.80 -4.04 7.85
C36 QQ4 C . 8.02 -5.50 8.09
C37 QQ4 C . 7.26 -5.80 9.34
C38 QQ4 C . 9.82 -6.47 12.17
C39 QQ4 C . 10.37 -4.24 11.58
C40 QQ4 C . 11.45 -5.14 11.01
C41 QQ4 C . 11.30 -6.43 11.79
N03 QQ4 C . 3.41 1.05 15.85
N04 QQ4 C . 3.13 0.80 12.72
N05 QQ4 C . 4.28 -3.08 13.17
N06 QQ4 C . 7.01 -4.54 10.06
N07 QQ4 C . 9.40 -5.07 12.28
O02 QQ4 C . 4.41 3.11 15.22
O03 QQ4 C . 1.01 0.08 13.36
O04 QQ4 C . 6.02 -2.77 14.78
O06 QQ4 C . 6.93 -6.89 9.70
O07 QQ4 C . 10.33 -3.07 11.49
MN MN D . -0.05 -3.06 -2.85
MN MN E . 3.29 -4.42 -2.44
S SO4 F . 7.12 11.66 -9.82
O1 SO4 F . 7.45 12.75 -8.91
O2 SO4 F . 8.24 11.43 -10.74
O3 SO4 F . 6.87 10.44 -9.06
O4 SO4 F . 5.93 12.00 -10.60
#